data_6V4E
#
_entry.id   6V4E
#
_cell.length_a   66.950
_cell.length_b   30.720
_cell.length_c   69.260
_cell.angle_alpha   90.000
_cell.angle_beta   106.890
_cell.angle_gamma   90.000
#
_symmetry.space_group_name_H-M   'P 1 21 1'
#
loop_
_entity.id
_entity.type
_entity.pdbx_description
1 polymer 'Protein Mdm4'
2 polymer 'Stapled peptide QSQQTF(0EH)NLWRLL(MK8)QN(NH2)'
3 water water
#
loop_
_entity_poly.entity_id
_entity_poly.type
_entity_poly.pdbx_seq_one_letter_code
_entity_poly.pdbx_strand_id
1 'polypeptide(L)'
;MHHHHHHDDDDKRTLPGEGTQVHPRAPLLQILKVAGAQEEVFTVKEVMHYLGQYIMMKQLYDKQRQHIVHCHDDPLGELL
EVGSFSVKNPSPLYEMLKRNLVIL
;
A,B
2 'polypeptide(L)' QSQQTF(0EH)NLWRLL(MK8)QN(NH2) C,D
#
# COMPACT_ATOMS: atom_id res chain seq x y z
N LEU A 15 -16.80 -2.38 19.00
CA LEU A 15 -16.27 -2.70 17.68
C LEU A 15 -16.67 -4.11 17.25
N PRO A 16 -17.33 -4.22 16.09
CA PRO A 16 -17.86 -5.52 15.66
C PRO A 16 -16.77 -6.46 15.18
N GLY A 17 -17.15 -7.73 15.07
CA GLY A 17 -16.23 -8.80 14.78
C GLY A 17 -15.80 -8.86 13.32
N GLU A 18 -15.12 -9.97 12.99
CA GLU A 18 -14.47 -10.12 11.69
C GLU A 18 -15.46 -10.23 10.53
N GLY A 19 -16.75 -10.49 10.81
CA GLY A 19 -17.70 -10.72 9.75
C GLY A 19 -18.72 -9.61 9.56
N THR A 20 -18.97 -8.85 10.63
CA THR A 20 -19.98 -7.79 10.59
C THR A 20 -19.56 -6.69 9.62
N GLN A 21 -20.54 -6.15 8.89
CA GLN A 21 -20.30 -5.13 7.88
C GLN A 21 -20.62 -3.74 8.43
N VAL A 22 -19.86 -2.75 7.97
CA VAL A 22 -19.95 -1.38 8.45
C VAL A 22 -20.00 -0.43 7.28
N HIS A 23 -20.62 0.73 7.51
CA HIS A 23 -20.64 1.81 6.53
C HIS A 23 -19.96 3.04 7.12
N PRO A 24 -18.85 3.53 6.54
CA PRO A 24 -18.18 4.69 7.11
C PRO A 24 -18.94 5.98 6.83
N ARG A 25 -18.96 6.85 7.85
CA ARG A 25 -19.45 8.21 7.64
C ARG A 25 -18.54 8.93 6.66
N ALA A 26 -19.09 9.99 6.05
CA ALA A 26 -18.44 10.67 4.91
C ALA A 26 -16.98 11.06 5.16
N PRO A 27 -16.59 11.68 6.28
CA PRO A 27 -15.17 12.06 6.43
C PRO A 27 -14.22 10.87 6.44
N LEU A 28 -14.64 9.74 7.02
CA LEU A 28 -13.79 8.56 7.01
C LEU A 28 -13.77 7.92 5.62
N LEU A 29 -14.92 7.87 4.94
CA LEU A 29 -14.95 7.29 3.61
C LEU A 29 -14.02 8.03 2.66
N GLN A 30 -13.94 9.36 2.77
CA GLN A 30 -13.05 10.13 1.91
C GLN A 30 -11.60 9.71 2.09
N ILE A 31 -11.20 9.41 3.33
CA ILE A 31 -9.85 8.94 3.57
C ILE A 31 -9.64 7.56 2.97
N LEU A 32 -10.62 6.66 3.14
CA LEU A 32 -10.49 5.32 2.55
C LEU A 32 -10.40 5.40 1.03
N LYS A 33 -11.18 6.29 0.41
CA LYS A 33 -11.17 6.41 -1.04
C LYS A 33 -9.83 6.92 -1.54
N VAL A 34 -9.18 7.82 -0.78
CA VAL A 34 -7.83 8.25 -1.14
C VAL A 34 -6.90 7.05 -1.18
N ALA A 35 -7.08 6.11 -0.26
CA ALA A 35 -6.26 4.91 -0.19
C ALA A 35 -6.67 3.83 -1.18
N GLY A 36 -7.64 4.12 -2.05
CA GLY A 36 -8.00 3.23 -3.14
C GLY A 36 -9.31 2.47 -2.96
N ALA A 37 -10.02 2.66 -1.84
CA ALA A 37 -11.28 1.94 -1.64
C ALA A 37 -12.29 2.31 -2.72
N GLN A 38 -12.88 1.29 -3.32
CA GLN A 38 -13.90 1.48 -4.34
C GLN A 38 -15.31 1.18 -3.85
N GLU A 39 -15.46 0.55 -2.69
CA GLU A 39 -16.76 0.21 -2.13
C GLU A 39 -17.17 1.22 -1.06
N GLU A 40 -18.43 1.10 -0.63
CA GLU A 40 -18.97 1.91 0.46
C GLU A 40 -19.30 1.09 1.70
N VAL A 41 -19.21 -0.23 1.63
CA VAL A 41 -19.47 -1.11 2.77
C VAL A 41 -18.26 -2.02 2.95
N PHE A 42 -17.86 -2.20 4.22
CA PHE A 42 -16.61 -2.86 4.58
C PHE A 42 -16.82 -3.74 5.80
N THR A 43 -15.86 -4.62 6.04
CA THR A 43 -15.63 -5.14 7.38
C THR A 43 -14.67 -4.19 8.10
N VAL A 44 -14.57 -4.34 9.43
CA VAL A 44 -13.65 -3.49 10.18
C VAL A 44 -12.22 -3.76 9.74
N LYS A 45 -11.91 -5.01 9.43
CA LYS A 45 -10.57 -5.36 9.00
C LYS A 45 -10.24 -4.77 7.63
N GLU A 46 -11.25 -4.59 6.77
CA GLU A 46 -11.04 -3.88 5.51
C GLU A 46 -10.84 -2.39 5.73
N VAL A 47 -11.60 -1.79 6.66
CA VAL A 47 -11.37 -0.39 6.99
C VAL A 47 -9.93 -0.21 7.48
N MET A 48 -9.47 -1.12 8.34
CA MET A 48 -8.11 -1.01 8.86
C MET A 48 -7.08 -1.19 7.76
N HIS A 49 -7.36 -2.06 6.78
CA HIS A 49 -6.45 -2.22 5.65
C HIS A 49 -6.27 -0.90 4.92
N TYR A 50 -7.38 -0.22 4.59
CA TYR A 50 -7.26 1.02 3.85
C TYR A 50 -6.69 2.15 4.70
N LEU A 51 -6.95 2.17 6.01
CA LEU A 51 -6.30 3.17 6.86
C LEU A 51 -4.78 2.95 6.86
N GLY A 52 -4.34 1.69 6.93
CA GLY A 52 -2.92 1.43 6.84
C GLY A 52 -2.34 1.87 5.51
N GLN A 53 -3.05 1.57 4.43
CA GLN A 53 -2.63 2.02 3.10
C GLN A 53 -2.48 3.53 3.06
N TYR A 54 -3.47 4.24 3.61
CA TYR A 54 -3.45 5.69 3.63
C TYR A 54 -2.22 6.20 4.36
N ILE A 55 -1.99 5.72 5.58
CA ILE A 55 -0.85 6.19 6.38
C ILE A 55 0.46 5.89 5.65
N MET A 56 0.54 4.70 5.05
CA MET A 56 1.76 4.31 4.33
C MET A 56 1.98 5.18 3.10
N MET A 57 0.93 5.38 2.29
CA MET A 57 1.10 6.15 1.05
C MET A 57 1.48 7.59 1.36
N LYS A 58 0.88 8.18 2.39
CA LYS A 58 1.17 9.56 2.75
C LYS A 58 2.40 9.69 3.64
N GLN A 59 3.01 8.57 4.03
CA GLN A 59 4.24 8.58 4.84
C GLN A 59 4.02 9.35 6.15
N LEU A 60 2.91 9.09 6.81
CA LEU A 60 2.61 9.75 8.08
C LEU A 60 3.34 9.10 9.24
N TYR A 61 3.81 7.88 9.08
CA TYR A 61 4.57 7.23 10.13
C TYR A 61 5.91 7.93 10.31
N ASP A 62 6.38 7.94 11.56
CA ASP A 62 7.71 8.46 11.86
C ASP A 62 8.76 7.62 11.14
N LYS A 63 9.72 8.27 10.48
CA LYS A 63 10.68 7.54 9.68
C LYS A 63 11.60 6.66 10.51
N GLN A 64 11.85 7.04 11.76
CA GLN A 64 12.80 6.31 12.60
C GLN A 64 12.11 5.37 13.58
N ARG A 65 10.96 5.75 14.11
CA ARG A 65 10.24 4.94 15.08
C ARG A 65 8.86 4.69 14.46
N GLN A 66 8.76 3.65 13.64
CA GLN A 66 7.67 3.58 12.66
C GLN A 66 6.35 3.10 13.24
N HIS A 67 6.29 2.80 14.54
CA HIS A 67 5.00 2.61 15.19
C HIS A 67 4.33 3.93 15.58
N ILE A 68 5.03 5.05 15.44
CA ILE A 68 4.47 6.36 15.74
C ILE A 68 3.96 6.95 14.45
N VAL A 69 2.71 7.38 14.45
CA VAL A 69 2.07 8.01 13.30
C VAL A 69 1.83 9.46 13.64
N HIS A 70 2.33 10.36 12.79
CA HIS A 70 2.16 11.80 12.97
C HIS A 70 1.00 12.24 12.09
N CYS A 71 -0.14 12.52 12.73
CA CYS A 71 -1.42 12.76 12.08
C CYS A 71 -1.77 14.24 12.01
N HIS A 72 -1.01 15.10 12.68
CA HIS A 72 -1.32 16.52 12.70
C HIS A 72 -1.16 17.11 11.30
N ASP A 73 -1.99 18.10 11.00
CA ASP A 73 -2.00 18.75 9.69
C ASP A 73 -2.38 17.80 8.55
N ASP A 74 -3.04 16.69 8.87
CA ASP A 74 -3.60 15.77 7.90
C ASP A 74 -5.07 15.55 8.24
N PRO A 75 -5.93 15.35 7.23
CA PRO A 75 -7.34 15.04 7.53
C PRO A 75 -7.54 13.87 8.46
N LEU A 76 -6.62 12.91 8.48
CA LEU A 76 -6.74 11.79 9.41
C LEU A 76 -6.69 12.29 10.86
N GLY A 77 -5.81 13.26 11.13
CA GLY A 77 -5.72 13.80 12.48
C GLY A 77 -6.98 14.55 12.90
N GLU A 78 -7.68 15.14 11.93
CA GLU A 78 -8.95 15.79 12.25
C GLU A 78 -9.98 14.77 12.71
N LEU A 79 -9.95 13.56 12.15
CA LEU A 79 -10.88 12.51 12.58
C LEU A 79 -10.43 11.89 13.89
N LEU A 80 -9.12 11.66 14.04
CA LEU A 80 -8.62 11.05 15.26
C LEU A 80 -8.65 12.00 16.44
N GLU A 81 -8.58 13.32 16.18
CA GLU A 81 -8.56 14.36 17.19
C GLU A 81 -7.30 14.31 18.04
N VAL A 82 -6.23 13.71 17.52
CA VAL A 82 -4.93 13.68 18.18
C VAL A 82 -3.88 14.02 17.15
N GLY A 83 -2.75 14.59 17.60
CA GLY A 83 -1.69 14.94 16.69
C GLY A 83 -0.81 13.78 16.31
N SER A 84 -0.75 12.76 17.15
CA SER A 84 0.02 11.56 16.86
C SER A 84 -0.54 10.41 17.69
N PHE A 85 -0.27 9.20 17.24
CA PHE A 85 -0.66 8.03 18.03
C PHE A 85 0.34 6.92 17.77
N SER A 86 0.26 5.88 18.58
CA SER A 86 1.11 4.72 18.45
C SER A 86 0.29 3.54 17.98
N VAL A 87 0.82 2.80 17.00
CA VAL A 87 0.16 1.61 16.51
C VAL A 87 0.03 0.60 17.63
N LYS A 88 0.86 0.71 18.68
CA LYS A 88 0.77 -0.17 19.83
C LYS A 88 -0.15 0.37 20.91
N ASN A 89 -0.77 1.52 20.70
CA ASN A 89 -1.78 2.08 21.62
C ASN A 89 -2.93 2.55 20.75
N PRO A 90 -3.64 1.65 20.10
CA PRO A 90 -4.60 2.04 19.07
C PRO A 90 -5.90 2.64 19.59
N SER A 91 -6.04 2.90 20.88
CA SER A 91 -7.31 3.40 21.40
C SER A 91 -7.88 4.61 20.66
N PRO A 92 -7.10 5.64 20.31
CA PRO A 92 -7.70 6.76 19.55
C PRO A 92 -8.24 6.33 18.20
N LEU A 93 -7.63 5.34 17.59
CA LEU A 93 -8.16 4.88 16.31
C LEU A 93 -9.47 4.14 16.51
N TYR A 94 -9.55 3.27 17.52
CA TYR A 94 -10.80 2.57 17.78
C TYR A 94 -11.90 3.55 18.16
N GLU A 95 -11.58 4.58 18.95
CA GLU A 95 -12.60 5.57 19.32
C GLU A 95 -13.09 6.33 18.08
N MET A 96 -12.17 6.67 17.18
CA MET A 96 -12.57 7.31 15.93
C MET A 96 -13.49 6.40 15.12
N LEU A 97 -13.18 5.10 15.05
CA LEU A 97 -14.01 4.18 14.28
C LEU A 97 -15.40 4.06 14.89
N LYS A 98 -15.50 4.06 16.22
CA LYS A 98 -16.82 4.00 16.85
C LYS A 98 -17.65 5.24 16.49
N ARG A 99 -17.00 6.39 16.36
CA ARG A 99 -17.70 7.62 15.97
C ARG A 99 -18.03 7.66 14.50
N ASN A 100 -17.34 6.89 13.66
CA ASN A 100 -17.41 7.09 12.21
C ASN A 100 -17.85 5.85 11.43
N LEU A 101 -18.24 4.78 12.11
CA LEU A 101 -18.76 3.58 11.46
C LEU A 101 -20.21 3.36 11.88
N VAL A 102 -21.08 3.16 10.89
CA VAL A 102 -22.44 2.71 11.12
C VAL A 102 -22.45 1.20 10.95
N ILE A 103 -22.90 0.49 11.98
CA ILE A 103 -22.94 -0.96 11.93
C ILE A 103 -24.14 -1.40 11.11
N LEU A 104 -23.93 -2.35 10.20
CA LEU A 104 -25.00 -2.86 9.36
C LEU A 104 -25.51 -4.22 9.82
N LEU B 15 4.60 -6.00 -23.93
CA LEU B 15 3.66 -5.97 -22.80
C LEU B 15 2.23 -5.81 -23.31
N PRO B 16 1.36 -6.74 -22.92
CA PRO B 16 -0.01 -6.73 -23.45
C PRO B 16 -0.84 -5.59 -22.89
N GLY B 17 -1.98 -5.37 -23.52
CA GLY B 17 -2.82 -4.23 -23.24
C GLY B 17 -3.55 -4.34 -21.91
N GLU B 18 -4.49 -3.40 -21.73
CA GLU B 18 -5.13 -3.21 -20.44
C GLU B 18 -6.02 -4.38 -20.03
N GLY B 19 -6.39 -5.25 -20.96
CA GLY B 19 -7.31 -6.33 -20.62
C GLY B 19 -6.72 -7.72 -20.60
N THR B 20 -5.65 -7.92 -21.35
CA THR B 20 -5.06 -9.26 -21.50
C THR B 20 -4.52 -9.76 -20.16
N GLN B 21 -4.71 -11.05 -19.90
CA GLN B 21 -4.33 -11.64 -18.63
C GLN B 21 -2.98 -12.36 -18.75
N VAL B 22 -2.21 -12.30 -17.66
CA VAL B 22 -0.85 -12.79 -17.62
C VAL B 22 -0.65 -13.65 -16.37
N HIS B 23 0.30 -14.57 -16.46
CA HIS B 23 0.69 -15.40 -15.33
C HIS B 23 2.15 -15.11 -14.99
N PRO B 24 2.47 -14.62 -13.79
CA PRO B 24 3.87 -14.35 -13.46
C PRO B 24 4.65 -15.63 -13.16
N ARG B 25 5.90 -15.64 -13.62
CA ARG B 25 6.81 -16.70 -13.22
C ARG B 25 7.02 -16.66 -11.71
N ALA B 26 7.43 -17.81 -11.16
CA ALA B 26 7.46 -18.00 -9.71
C ALA B 26 8.18 -16.89 -8.94
N PRO B 27 9.39 -16.44 -9.33
CA PRO B 27 10.04 -15.40 -8.50
C PRO B 27 9.26 -14.10 -8.45
N LEU B 28 8.60 -13.72 -9.56
CA LEU B 28 7.80 -12.50 -9.54
C LEU B 28 6.51 -12.72 -8.78
N LEU B 29 5.88 -13.89 -8.93
CA LEU B 29 4.65 -14.16 -8.20
C LEU B 29 4.88 -14.06 -6.70
N GLN B 30 6.03 -14.53 -6.22
CA GLN B 30 6.31 -14.47 -4.79
C GLN B 30 6.39 -13.02 -4.31
N ILE B 31 6.95 -12.14 -5.14
CA ILE B 31 6.99 -10.72 -4.78
C ILE B 31 5.59 -10.13 -4.73
N LEU B 32 4.74 -10.45 -5.71
CA LEU B 32 3.38 -9.93 -5.70
C LEU B 32 2.60 -10.43 -4.49
N LYS B 33 2.80 -11.69 -4.10
CA LYS B 33 2.11 -12.24 -2.94
C LYS B 33 2.58 -11.59 -1.65
N VAL B 34 3.86 -11.22 -1.57
CA VAL B 34 4.34 -10.45 -0.43
C VAL B 34 3.55 -9.15 -0.31
N ALA B 35 3.25 -8.53 -1.44
CA ALA B 35 2.52 -7.27 -1.48
C ALA B 35 1.02 -7.44 -1.31
N GLY B 36 0.54 -8.67 -1.08
CA GLY B 36 -0.85 -8.91 -0.78
C GLY B 36 -1.67 -9.54 -1.89
N ALA B 37 -1.06 -9.84 -3.04
CA ALA B 37 -1.82 -10.44 -4.12
C ALA B 37 -2.38 -11.79 -3.70
N GLN B 38 -3.68 -11.98 -3.92
CA GLN B 38 -4.34 -13.23 -3.60
C GLN B 38 -4.61 -14.08 -4.83
N GLU B 39 -4.50 -13.50 -6.03
CA GLU B 39 -4.74 -14.24 -7.26
C GLU B 39 -3.40 -14.71 -7.84
N GLU B 40 -3.48 -15.57 -8.84
CA GLU B 40 -2.29 -16.02 -9.55
C GLU B 40 -2.27 -15.58 -11.01
N VAL B 41 -3.36 -14.98 -11.50
CA VAL B 41 -3.45 -14.45 -12.85
C VAL B 41 -3.86 -12.99 -12.74
N PHE B 42 -3.25 -12.14 -13.57
CA PHE B 42 -3.35 -10.69 -13.43
C PHE B 42 -3.49 -10.04 -14.80
N THR B 43 -3.88 -8.77 -14.78
CA THR B 43 -3.56 -7.87 -15.87
C THR B 43 -2.21 -7.21 -15.57
N VAL B 44 -1.62 -6.59 -16.59
CA VAL B 44 -0.33 -5.92 -16.39
C VAL B 44 -0.48 -4.77 -15.40
N LYS B 45 -1.62 -4.07 -15.45
CA LYS B 45 -1.78 -2.95 -14.53
C LYS B 45 -1.95 -3.44 -13.11
N GLU B 46 -2.52 -4.62 -12.92
CA GLU B 46 -2.59 -5.20 -11.58
C GLU B 46 -1.20 -5.62 -11.11
N VAL B 47 -0.38 -6.17 -12.01
CA VAL B 47 1.00 -6.49 -11.65
C VAL B 47 1.72 -5.22 -11.19
N MET B 48 1.53 -4.12 -11.92
CA MET B 48 2.17 -2.87 -11.55
C MET B 48 1.65 -2.35 -10.22
N HIS B 49 0.36 -2.54 -9.94
CA HIS B 49 -0.19 -2.14 -8.65
C HIS B 49 0.53 -2.86 -7.51
N TYR B 50 0.68 -4.19 -7.63
CA TYR B 50 1.30 -4.92 -6.54
C TYR B 50 2.80 -4.67 -6.47
N LEU B 51 3.46 -4.42 -7.60
CA LEU B 51 4.88 -4.05 -7.53
C LEU B 51 5.05 -2.72 -6.80
N GLY B 52 4.18 -1.75 -7.08
CA GLY B 52 4.23 -0.50 -6.33
C GLY B 52 3.98 -0.71 -4.86
N GLN B 53 2.99 -1.57 -4.53
CA GLN B 53 2.73 -1.90 -3.13
C GLN B 53 3.96 -2.47 -2.46
N TYR B 54 4.63 -3.41 -3.14
CA TYR B 54 5.81 -4.05 -2.60
C TYR B 54 6.90 -3.03 -2.30
N ILE B 55 7.23 -2.19 -3.28
CA ILE B 55 8.30 -1.19 -3.11
C ILE B 55 7.94 -0.25 -1.97
N MET B 56 6.67 0.14 -1.90
CA MET B 56 6.23 1.05 -0.86
C MET B 56 6.30 0.40 0.52
N MET B 57 5.79 -0.84 0.64
CA MET B 57 5.78 -1.52 1.93
C MET B 57 7.19 -1.77 2.43
N LYS B 58 8.10 -2.15 1.54
CA LYS B 58 9.47 -2.43 1.94
C LYS B 58 10.34 -1.18 1.99
N GLN B 59 9.78 -0.02 1.60
CA GLN B 59 10.50 1.25 1.66
C GLN B 59 11.80 1.19 0.84
N LEU B 60 11.70 0.63 -0.36
CA LEU B 60 12.86 0.55 -1.23
C LEU B 60 13.12 1.85 -1.95
N TYR B 61 12.14 2.74 -2.01
CA TYR B 61 12.37 4.04 -2.64
C TYR B 61 13.33 4.87 -1.79
N ASP B 62 14.12 5.69 -2.48
CA ASP B 62 15.00 6.64 -1.80
C ASP B 62 14.18 7.62 -0.98
N LYS B 63 14.60 7.86 0.26
CA LYS B 63 13.79 8.68 1.15
C LYS B 63 13.71 10.12 0.68
N GLN B 64 14.73 10.63 0.00
CA GLN B 64 14.73 12.03 -0.39
C GLN B 64 14.35 12.24 -1.85
N ARG B 65 14.75 11.34 -2.74
CA ARG B 65 14.46 11.47 -4.16
C ARG B 65 13.65 10.23 -4.53
N GLN B 66 12.33 10.33 -4.34
CA GLN B 66 11.50 9.14 -4.19
C GLN B 66 11.11 8.50 -5.51
N HIS B 67 11.57 9.06 -6.64
CA HIS B 67 11.49 8.34 -7.91
C HIS B 67 12.60 7.32 -8.09
N ILE B 68 13.59 7.32 -7.19
CA ILE B 68 14.70 6.36 -7.26
C ILE B 68 14.35 5.19 -6.36
N VAL B 69 14.43 3.98 -6.89
CA VAL B 69 14.16 2.76 -6.14
C VAL B 69 15.46 2.00 -6.00
N HIS B 70 15.85 1.69 -4.75
CA HIS B 70 17.07 0.94 -4.44
C HIS B 70 16.68 -0.51 -4.17
N CYS B 71 16.93 -1.39 -5.14
CA CYS B 71 16.52 -2.78 -5.05
C CYS B 71 17.70 -3.73 -4.82
N HIS B 72 18.92 -3.22 -4.71
CA HIS B 72 20.03 -4.11 -4.43
C HIS B 72 19.78 -4.75 -3.07
N ASP B 73 20.21 -6.00 -2.92
CA ASP B 73 20.00 -6.75 -1.68
C ASP B 73 18.52 -7.01 -1.41
N ASP B 74 17.66 -6.94 -2.42
CA ASP B 74 16.25 -7.33 -2.33
C ASP B 74 15.95 -8.31 -3.47
N PRO B 75 15.05 -9.28 -3.24
CA PRO B 75 14.66 -10.17 -4.34
C PRO B 75 14.18 -9.45 -5.59
N LEU B 76 13.62 -8.25 -5.45
CA LEU B 76 13.21 -7.48 -6.62
C LEU B 76 14.41 -7.15 -7.50
N GLY B 77 15.54 -6.81 -6.89
CA GLY B 77 16.72 -6.47 -7.65
C GLY B 77 17.28 -7.65 -8.43
N GLU B 78 17.12 -8.87 -7.89
CA GLU B 78 17.54 -10.06 -8.61
C GLU B 78 16.74 -10.25 -9.90
N LEU B 79 15.46 -9.86 -9.87
CA LEU B 79 14.63 -9.94 -11.08
C LEU B 79 14.92 -8.79 -12.02
N LEU B 80 15.10 -7.58 -11.48
CA LEU B 80 15.36 -6.42 -12.33
C LEU B 80 16.76 -6.45 -12.92
N GLU B 81 17.70 -7.13 -12.26
CA GLU B 81 19.10 -7.24 -12.66
C GLU B 81 19.83 -5.90 -12.58
N VAL B 82 19.30 -4.95 -11.81
CA VAL B 82 19.92 -3.66 -11.60
C VAL B 82 19.88 -3.36 -10.11
N GLY B 83 20.84 -2.55 -9.64
CA GLY B 83 20.86 -2.19 -8.23
C GLY B 83 19.89 -1.08 -7.88
N SER B 84 19.52 -0.26 -8.87
CA SER B 84 18.53 0.79 -8.65
C SER B 84 17.94 1.15 -9.99
N PHE B 85 16.75 1.76 -9.93
CA PHE B 85 16.15 2.27 -11.16
C PHE B 85 15.33 3.50 -10.81
N SER B 86 14.92 4.21 -11.85
CA SER B 86 14.11 5.39 -11.70
C SER B 86 12.72 5.13 -12.24
N VAL B 87 11.71 5.56 -11.48
CA VAL B 87 10.33 5.43 -11.93
C VAL B 87 10.11 6.20 -13.22
N LYS B 88 10.94 7.20 -13.49
CA LYS B 88 10.83 7.97 -14.72
C LYS B 88 11.67 7.37 -15.86
N ASN B 89 12.35 6.26 -15.60
CA ASN B 89 13.09 5.53 -16.63
C ASN B 89 12.76 4.06 -16.43
N PRO B 90 11.48 3.67 -16.66
CA PRO B 90 11.03 2.34 -16.26
C PRO B 90 11.47 1.20 -17.16
N SER B 91 12.34 1.44 -18.15
CA SER B 91 12.68 0.38 -19.08
C SER B 91 13.19 -0.91 -18.41
N PRO B 92 14.03 -0.87 -17.36
CA PRO B 92 14.41 -2.15 -16.72
C PRO B 92 13.22 -2.89 -16.12
N LEU B 93 12.23 -2.14 -15.65
CA LEU B 93 11.05 -2.79 -15.10
C LEU B 93 10.24 -3.48 -16.18
N TYR B 94 10.04 -2.81 -17.31
CA TYR B 94 9.31 -3.43 -18.43
C TYR B 94 10.05 -4.64 -18.97
N GLU B 95 11.38 -4.55 -19.05
CA GLU B 95 12.15 -5.69 -19.54
C GLU B 95 12.02 -6.88 -18.60
N MET B 96 12.02 -6.63 -17.30
CA MET B 96 11.80 -7.69 -16.33
C MET B 96 10.43 -8.31 -16.52
N LEU B 97 9.40 -7.48 -16.74
CA LEU B 97 8.05 -8.01 -16.90
C LEU B 97 7.96 -8.86 -18.15
N LYS B 98 8.65 -8.45 -19.23
CA LYS B 98 8.66 -9.27 -20.43
C LYS B 98 9.31 -10.63 -20.16
N ARG B 99 10.33 -10.68 -19.32
CA ARG B 99 10.95 -11.95 -18.99
C ARG B 99 10.13 -12.79 -18.01
N ASN B 100 9.21 -12.18 -17.26
CA ASN B 100 8.61 -12.88 -16.13
C ASN B 100 7.08 -12.95 -16.20
N LEU B 101 6.48 -12.53 -17.31
CA LEU B 101 5.03 -12.66 -17.49
C LEU B 101 4.77 -13.57 -18.68
N VAL B 102 3.94 -14.59 -18.47
CA VAL B 102 3.43 -15.44 -19.53
C VAL B 102 2.04 -14.96 -19.92
N ILE B 103 1.84 -14.68 -21.20
CA ILE B 103 0.56 -14.21 -21.69
C ILE B 103 -0.39 -15.39 -21.81
N LEU B 104 -1.64 -15.19 -21.39
CA LEU B 104 -2.64 -16.25 -21.46
C LEU B 104 -3.55 -16.04 -22.67
N GLN C 3 13.81 -1.80 13.90
CA GLN C 3 13.96 -1.86 12.44
C GLN C 3 12.68 -2.37 11.78
N GLN C 4 11.58 -2.38 12.53
CA GLN C 4 10.31 -2.84 11.99
C GLN C 4 9.66 -1.74 11.15
N THR C 5 9.16 -2.12 9.98
CA THR C 5 8.51 -1.17 9.10
C THR C 5 7.08 -0.91 9.55
N PHE C 6 6.57 0.26 9.18
CA PHE C 6 5.19 0.60 9.47
C PHE C 6 4.25 -0.49 8.91
N ASN C 8 4.75 -3.64 8.51
CA ASN C 8 4.67 -4.86 9.29
C ASN C 8 3.93 -4.60 10.61
N LEU C 9 4.20 -3.45 11.21
CA LEU C 9 3.56 -3.11 12.48
C LEU C 9 2.05 -2.97 12.32
N TRP C 10 1.60 -2.30 11.25
CA TRP C 10 0.17 -2.14 11.05
C TRP C 10 -0.49 -3.47 10.72
N ARG C 11 0.20 -4.34 9.96
CA ARG C 11 -0.35 -5.64 9.66
C ARG C 11 -0.58 -6.45 10.92
N LEU C 12 0.35 -6.37 11.88
CA LEU C 12 0.15 -7.05 13.17
C LEU C 12 -1.11 -6.54 13.86
N LEU C 13 -1.31 -5.23 13.87
CA LEU C 13 -2.49 -4.63 14.51
C LEU C 13 -3.75 -5.11 13.80
N GLN C 15 -4.38 -7.76 11.92
CA GLN C 15 -4.69 -9.18 11.88
C GLN C 15 -4.96 -9.75 13.26
N ASN C 16 -4.87 -8.89 14.28
CA ASN C 16 -5.14 -9.34 15.64
C ASN C 16 -6.53 -8.90 16.11
N GLN D 3 9.19 17.07 -3.85
CA GLN D 3 8.42 16.70 -2.65
C GLN D 3 7.34 15.68 -2.99
N GLN D 4 7.45 15.07 -4.18
CA GLN D 4 6.48 14.07 -4.60
C GLN D 4 6.78 12.73 -3.95
N THR D 5 5.72 12.08 -3.45
CA THR D 5 5.87 10.80 -2.79
C THR D 5 6.01 9.66 -3.79
N PHE D 6 6.64 8.58 -3.35
CA PHE D 6 6.78 7.39 -4.17
C PHE D 6 5.40 6.93 -4.67
N ASN D 8 2.76 8.64 -5.23
CA ASN D 8 2.17 9.40 -6.30
C ASN D 8 2.92 9.18 -7.61
N LEU D 9 4.25 9.07 -7.50
CA LEU D 9 5.07 8.86 -8.68
C LEU D 9 4.75 7.54 -9.35
N TRP D 10 4.60 6.47 -8.56
CA TRP D 10 4.29 5.17 -9.13
C TRP D 10 2.89 5.15 -9.73
N ARG D 11 1.93 5.82 -9.08
CA ARG D 11 0.58 5.86 -9.61
C ARG D 11 0.55 6.51 -10.98
N LEU D 12 1.34 7.59 -11.16
CA LEU D 12 1.45 8.22 -12.47
C LEU D 12 1.98 7.24 -13.51
N LEU D 13 3.00 6.46 -13.16
CA LEU D 13 3.59 5.49 -14.08
C LEU D 13 2.54 4.44 -14.43
N GLN D 15 -0.72 4.55 -14.31
CA GLN D 15 -1.90 5.04 -15.00
C GLN D 15 -1.60 5.60 -16.38
N ASN D 16 -0.34 5.57 -16.80
CA ASN D 16 0.02 6.07 -18.12
C ASN D 16 0.28 4.94 -19.10
#